data_9DHJ
#
_entry.id   9DHJ
#
_cell.length_a   90.730
_cell.length_b   90.730
_cell.length_c   122.502
_cell.angle_alpha   90.00
_cell.angle_beta   90.00
_cell.angle_gamma   120.00
#
_symmetry.space_group_name_H-M   'P 32 2 1'
#
loop_
_entity.id
_entity.type
_entity.pdbx_description
1 polymer 'Dihydroorotate dehydrogenase (quinone), mitochondrial'
2 non-polymer 'FLAVIN MONONUCLEOTIDE'
3 non-polymer 'OROTIC ACID'
4 non-polymer (2M,6P)-6-[4-ethyl-3-(hydroxymethyl)-5-oxo-4,5-dihydro-1H-1,2,4-triazol-1-yl]-7-fluoro-2-(2-methylphenyl)-4-[(2R)-1,1,1-trifluoropropan-2-yl]phthalazin-1(2H)-one
5 non-polymer 'SULFATE ION'
6 non-polymer 'ACETATE ION'
7 non-polymer GLYCEROL
8 non-polymer 'CHLORIDE ION'
9 non-polymer 'TRIETHYLENE GLYCOL'
10 non-polymer 1,2-ETHANEDIOL
11 water water
#
_entity_poly.entity_id   1
_entity_poly.type   'polypeptide(L)'
_entity_poly.pdbx_seq_one_letter_code
;GAMATGDERFYAEHLMPTLQGLLDPESAHRLAVRFTSLGLLPRARFQDSDMLEVRVLGHKFRNPVGIAAGFDKHGEAVDG
LYKMGFGFVEIGSVTPKPQEGNPRPRVFRLPEDQAVINRYGFNSHGLSVVEHRLRARQQKQAKLTEDGLPLGVNLGKNKT
SVDAAEDYAEGVRVLGPLADYLVVNVSSPNTAGLRSLQGKAELRRLLTKVLQERDGLRRVHRPAVLVKIAPDLTSQDKED
IASVVKELGIDGLIVTNTTVSRPAGLQGALRSETGGLSGKPLRDLSTQTIREMYALTQGRVPIIGVGGVSSGQDALEKIR
AGASLVQLYTALTFWGPPVVGKVKRELEALLKEQGFGGVTDAIGADHRR
;
_entity_poly.pdbx_strand_id   A
#
loop_
_chem_comp.id
_chem_comp.type
_chem_comp.name
_chem_comp.formula
A1A4M non-polymer (2M,6P)-6-[4-ethyl-3-(hydroxymethyl)-5-oxo-4,5-dihydro-1H-1,2,4-triazol-1-yl]-7-fluoro-2-(2-methylphenyl)-4-[(2R)-1,1,1-trifluoropropan-2-yl]phthalazin-1(2H)-one 'C23 H21 F4 N5 O3'
ACT non-polymer 'ACETATE ION' 'C2 H3 O2 -1'
CL non-polymer 'CHLORIDE ION' 'Cl -1'
EDO non-polymer 1,2-ETHANEDIOL 'C2 H6 O2'
FMN non-polymer 'FLAVIN MONONUCLEOTIDE' 'C17 H21 N4 O9 P'
GOL non-polymer GLYCEROL 'C3 H8 O3'
ORO non-polymer 'OROTIC ACID' 'C5 H4 N2 O4'
PGE non-polymer 'TRIETHYLENE GLYCOL' 'C6 H14 O4'
SO4 non-polymer 'SULFATE ION' 'O4 S -2'
#
# COMPACT_ATOMS: atom_id res chain seq x y z
N ALA A 2 -2.04 1.74 -29.20
CA ALA A 2 -1.95 3.20 -28.89
C ALA A 2 -0.51 3.58 -28.49
N MET A 3 -0.27 4.85 -28.22
CA MET A 3 1.01 5.38 -27.66
C MET A 3 1.11 4.85 -26.23
N ALA A 4 -0.04 4.77 -25.53
CA ALA A 4 -0.22 4.10 -24.23
C ALA A 4 0.31 2.66 -24.31
N THR A 5 -0.32 1.79 -25.09
CA THR A 5 0.08 0.36 -25.17
C THR A 5 1.51 0.29 -25.73
N GLY A 6 1.94 1.31 -26.50
CA GLY A 6 3.32 1.43 -27.02
C GLY A 6 4.34 1.46 -25.89
N ASP A 7 4.24 2.48 -25.01
CA ASP A 7 5.09 2.62 -23.82
C ASP A 7 4.91 1.37 -22.94
N GLU A 8 3.68 0.88 -22.77
CA GLU A 8 3.44 -0.28 -21.86
C GLU A 8 4.27 -1.47 -22.34
N ARG A 9 4.20 -1.76 -23.64
CA ARG A 9 4.95 -2.88 -24.25
C ARG A 9 6.46 -2.66 -24.12
N PHE A 10 6.94 -1.47 -24.46
CA PHE A 10 8.39 -1.19 -24.46
C PHE A 10 8.93 -1.36 -23.04
N TYR A 11 8.24 -0.79 -22.05
CA TYR A 11 8.68 -0.87 -20.65
C TYR A 11 8.67 -2.32 -20.17
N ALA A 12 7.58 -3.04 -20.43
CA ALA A 12 7.40 -4.40 -19.88
C ALA A 12 8.33 -5.40 -20.58
N GLU A 13 8.47 -5.29 -21.89
CA GLU A 13 9.17 -6.31 -22.72
C GLU A 13 10.68 -6.02 -22.79
N HIS A 14 11.11 -4.75 -22.67
CA HIS A 14 12.50 -4.34 -23.02
C HIS A 14 13.14 -3.53 -21.89
N LEU A 15 12.57 -2.38 -21.52
CA LEU A 15 13.32 -1.43 -20.64
C LEU A 15 13.47 -2.01 -19.24
N MET A 16 12.36 -2.40 -18.62
CA MET A 16 12.44 -2.85 -17.22
C MET A 16 13.29 -4.13 -17.12
N PRO A 17 13.11 -5.18 -17.96
CA PRO A 17 13.98 -6.35 -17.81
C PRO A 17 15.48 -6.02 -17.99
N THR A 18 15.78 -5.07 -18.88
CA THR A 18 17.18 -4.66 -19.16
C THR A 18 17.72 -3.96 -17.91
N LEU A 19 16.99 -2.99 -17.36
CA LEU A 19 17.46 -2.22 -16.19
C LEU A 19 17.57 -3.14 -14.97
N GLN A 20 16.58 -3.99 -14.75
CA GLN A 20 16.61 -4.92 -13.61
C GLN A 20 17.79 -5.89 -13.78
N GLY A 21 18.18 -6.24 -15.02
CA GLY A 21 19.31 -7.13 -15.29
C GLY A 21 20.65 -6.49 -14.97
N LEU A 22 20.71 -5.15 -14.94
CA LEU A 22 21.98 -4.39 -14.74
C LEU A 22 22.20 -4.04 -13.25
N LEU A 23 21.15 -4.07 -12.42
CA LEU A 23 21.17 -3.46 -11.07
C LEU A 23 20.79 -4.51 -10.02
N ASP A 24 21.40 -4.40 -8.86
CA ASP A 24 20.91 -5.12 -7.66
C ASP A 24 19.52 -4.59 -7.33
N PRO A 25 18.62 -5.42 -6.77
N PRO A 25 18.64 -5.40 -6.73
CA PRO A 25 17.25 -4.99 -6.54
CA PRO A 25 17.24 -4.97 -6.55
C PRO A 25 17.10 -3.74 -5.66
C PRO A 25 17.08 -3.75 -5.65
N GLU A 26 17.89 -3.63 -4.60
CA GLU A 26 17.80 -2.44 -3.70
C GLU A 26 18.32 -1.21 -4.44
N SER A 27 19.36 -1.37 -5.26
N SER A 27 19.38 -1.37 -5.25
CA SER A 27 19.87 -0.25 -6.12
CA SER A 27 19.89 -0.28 -6.11
C SER A 27 18.78 0.19 -7.10
C SER A 27 18.78 0.19 -7.07
N ALA A 28 18.05 -0.76 -7.69
CA ALA A 28 16.94 -0.45 -8.62
C ALA A 28 15.86 0.34 -7.84
N HIS A 29 15.54 -0.07 -6.61
CA HIS A 29 14.56 0.64 -5.76
C HIS A 29 15.01 2.09 -5.53
N ARG A 30 16.24 2.27 -5.07
N ARG A 30 16.23 2.25 -5.04
CA ARG A 30 16.79 3.61 -4.77
CA ARG A 30 16.79 3.56 -4.68
C ARG A 30 16.78 4.48 -6.03
C ARG A 30 16.82 4.48 -5.90
N LEU A 31 17.26 3.99 -7.16
N LEU A 31 17.20 3.97 -7.07
CA LEU A 31 17.24 4.79 -8.40
CA LEU A 31 17.24 4.77 -8.31
C LEU A 31 15.81 5.15 -8.77
C LEU A 31 15.83 5.14 -8.74
N ALA A 32 14.86 4.23 -8.57
CA ALA A 32 13.47 4.49 -8.93
C ALA A 32 12.94 5.67 -8.10
N VAL A 33 13.24 5.69 -6.82
CA VAL A 33 12.81 6.79 -5.94
C VAL A 33 13.42 8.09 -6.47
N ARG A 34 14.70 8.07 -6.83
N ARG A 34 14.69 8.06 -6.85
CA ARG A 34 15.41 9.28 -7.35
CA ARG A 34 15.39 9.27 -7.34
C ARG A 34 14.72 9.75 -8.64
C ARG A 34 14.73 9.75 -8.64
N PHE A 35 14.51 8.85 -9.60
CA PHE A 35 13.91 9.23 -10.89
C PHE A 35 12.52 9.80 -10.65
N THR A 36 11.75 9.16 -9.78
CA THR A 36 10.36 9.59 -9.52
C THR A 36 10.39 10.99 -8.90
N SER A 37 11.25 11.21 -7.93
CA SER A 37 11.37 12.50 -7.21
C SER A 37 11.75 13.61 -8.19
N LEU A 38 12.49 13.27 -9.26
CA LEU A 38 12.93 14.27 -10.27
C LEU A 38 11.88 14.43 -11.39
N GLY A 39 10.82 13.62 -11.38
CA GLY A 39 9.80 13.63 -12.44
C GLY A 39 10.28 13.06 -13.77
N LEU A 40 11.30 12.20 -13.74
N LEU A 40 11.32 12.20 -13.75
CA LEU A 40 11.84 11.56 -14.98
CA LEU A 40 11.87 11.53 -14.97
C LEU A 40 10.95 10.34 -15.25
C LEU A 40 10.99 10.33 -15.31
N LEU A 41 9.80 10.59 -15.88
CA LEU A 41 8.72 9.60 -16.00
C LEU A 41 8.13 9.65 -17.41
N PRO A 42 7.68 8.51 -17.98
CA PRO A 42 6.93 8.49 -19.24
C PRO A 42 5.62 9.29 -19.03
N ARG A 43 5.07 9.82 -20.11
CA ARG A 43 3.78 10.56 -20.04
C ARG A 43 2.70 9.60 -19.53
N ALA A 44 1.94 10.03 -18.52
CA ALA A 44 0.72 9.36 -18.03
C ALA A 44 -0.44 9.87 -18.91
N ARG A 45 -0.66 9.19 -20.04
CA ARG A 45 -1.55 9.64 -21.14
C ARG A 45 -3.02 9.51 -20.69
N PHE A 46 -3.28 8.63 -19.73
CA PHE A 46 -4.65 8.26 -19.32
C PHE A 46 -5.33 9.42 -18.57
N GLN A 47 -6.54 9.78 -19.01
CA GLN A 47 -7.34 10.87 -18.40
C GLN A 47 -8.36 10.22 -17.47
N ASP A 48 -8.27 10.49 -16.17
CA ASP A 48 -9.20 9.86 -15.19
C ASP A 48 -10.61 10.31 -15.56
N SER A 49 -11.55 9.37 -15.67
CA SER A 49 -12.98 9.64 -15.93
C SER A 49 -13.72 9.68 -14.60
N ASP A 50 -14.91 10.24 -14.65
CA ASP A 50 -15.84 10.34 -13.51
C ASP A 50 -16.11 8.93 -12.97
N MET A 51 -16.12 7.90 -13.82
CA MET A 51 -16.53 6.56 -13.34
C MET A 51 -15.43 5.94 -12.46
N LEU A 52 -14.23 6.50 -12.41
CA LEU A 52 -13.16 6.00 -11.49
C LEU A 52 -13.13 6.74 -10.16
N GLU A 53 -13.90 7.81 -9.98
CA GLU A 53 -13.89 8.61 -8.73
C GLU A 53 -14.55 7.79 -7.61
N VAL A 54 -13.96 7.82 -6.42
CA VAL A 54 -14.45 7.14 -5.20
C VAL A 54 -14.46 8.15 -4.08
N ARG A 55 -15.55 8.22 -3.32
N ARG A 55 -15.56 8.26 -3.34
CA ARG A 55 -15.63 9.03 -2.08
CA ARG A 55 -15.65 9.04 -2.09
C ARG A 55 -15.62 8.05 -0.91
C ARG A 55 -15.62 8.05 -0.93
N VAL A 56 -14.54 8.06 -0.14
CA VAL A 56 -14.39 7.22 1.08
C VAL A 56 -13.37 7.87 2.05
N LEU A 57 -13.36 7.49 3.34
CA LEU A 57 -12.38 7.93 4.36
C LEU A 57 -12.40 9.46 4.50
N GLY A 58 -13.52 10.10 4.16
CA GLY A 58 -13.69 11.56 4.29
C GLY A 58 -13.00 12.32 3.15
N HIS A 59 -12.69 11.65 2.04
CA HIS A 59 -12.01 12.25 0.88
C HIS A 59 -12.58 11.79 -0.49
N LYS A 60 -12.39 12.61 -1.51
CA LYS A 60 -12.52 12.29 -2.94
C LYS A 60 -11.20 11.66 -3.38
N PHE A 61 -11.29 10.55 -4.10
CA PHE A 61 -10.16 9.91 -4.79
C PHE A 61 -10.45 9.96 -6.29
N ARG A 62 -9.60 10.65 -7.06
CA ARG A 62 -9.82 10.87 -8.53
C ARG A 62 -9.86 9.50 -9.22
N ASN A 63 -9.03 8.56 -8.74
CA ASN A 63 -9.09 7.18 -9.25
C ASN A 63 -8.74 6.28 -8.08
N PRO A 64 -9.06 4.97 -8.15
CA PRO A 64 -8.95 4.11 -6.97
C PRO A 64 -7.61 3.36 -6.89
N VAL A 65 -6.63 3.74 -7.69
CA VAL A 65 -5.35 3.00 -7.78
C VAL A 65 -4.26 3.80 -7.06
N GLY A 66 -3.76 3.25 -5.95
CA GLY A 66 -2.73 3.90 -5.16
C GLY A 66 -1.41 3.13 -5.20
N ILE A 67 -0.36 3.82 -4.81
CA ILE A 67 0.96 3.19 -4.58
C ILE A 67 0.96 2.71 -3.14
N ALA A 68 1.27 1.43 -2.96
CA ALA A 68 1.35 0.81 -1.62
C ALA A 68 2.56 1.32 -0.85
N ALA A 69 2.50 1.20 0.45
CA ALA A 69 3.64 1.47 1.33
C ALA A 69 4.83 0.61 0.91
N GLY A 70 6.00 1.15 1.16
CA GLY A 70 7.26 0.41 0.95
C GLY A 70 8.04 0.98 -0.22
N PHE A 71 7.38 1.53 -1.22
CA PHE A 71 8.11 2.13 -2.37
C PHE A 71 8.76 3.43 -1.91
N ASP A 72 7.95 4.32 -1.36
CA ASP A 72 8.43 5.63 -0.85
C ASP A 72 8.34 5.60 0.68
N LYS A 73 9.30 4.94 1.30
CA LYS A 73 9.29 4.76 2.75
C LYS A 73 9.44 6.12 3.45
N HIS A 74 10.17 7.07 2.84
CA HIS A 74 10.62 8.29 3.56
C HIS A 74 9.98 9.56 3.00
N GLY A 75 8.97 9.43 2.15
CA GLY A 75 8.21 10.59 1.63
C GLY A 75 9.04 11.46 0.70
N GLU A 76 9.89 10.84 -0.10
CA GLU A 76 10.81 11.56 -1.02
C GLU A 76 10.23 11.77 -2.43
N ALA A 77 9.19 11.04 -2.81
CA ALA A 77 8.78 10.92 -4.22
C ALA A 77 7.28 11.13 -4.38
N VAL A 78 6.63 11.79 -3.43
CA VAL A 78 5.15 11.90 -3.42
C VAL A 78 4.66 12.55 -4.71
N ASP A 79 5.21 13.71 -5.06
CA ASP A 79 4.70 14.46 -6.22
C ASP A 79 4.91 13.66 -7.52
N GLY A 80 6.05 12.98 -7.63
CA GLY A 80 6.31 12.13 -8.81
C GLY A 80 5.36 10.97 -8.89
N LEU A 81 4.95 10.42 -7.75
CA LEU A 81 3.98 9.32 -7.76
C LEU A 81 2.61 9.80 -8.23
N TYR A 82 2.19 11.00 -7.85
CA TYR A 82 0.95 11.55 -8.45
C TYR A 82 1.15 11.73 -9.96
N LYS A 83 2.35 12.17 -10.38
CA LYS A 83 2.62 12.38 -11.83
C LYS A 83 2.51 11.04 -12.58
N MET A 84 2.79 9.92 -11.92
CA MET A 84 2.63 8.58 -12.55
C MET A 84 1.16 8.24 -12.77
N GLY A 85 0.22 8.92 -12.11
CA GLY A 85 -1.21 8.68 -12.33
C GLY A 85 -1.87 7.99 -11.16
N PHE A 86 -1.16 7.78 -10.06
CA PHE A 86 -1.80 7.20 -8.86
C PHE A 86 -2.86 8.17 -8.34
N GLY A 87 -4.02 7.63 -7.93
CA GLY A 87 -5.10 8.43 -7.35
C GLY A 87 -4.82 8.78 -5.90
N PHE A 88 -3.90 8.08 -5.25
CA PHE A 88 -3.50 8.39 -3.88
C PHE A 88 -2.12 7.78 -3.64
N VAL A 89 -1.43 8.36 -2.68
CA VAL A 89 -0.05 7.95 -2.37
C VAL A 89 -0.01 7.57 -0.90
N GLU A 90 0.63 6.46 -0.59
CA GLU A 90 0.91 6.07 0.80
C GLU A 90 2.42 6.02 0.96
N ILE A 91 2.92 6.75 1.94
CA ILE A 91 4.35 6.71 2.28
C ILE A 91 4.54 5.87 3.53
N GLY A 92 5.78 5.48 3.75
CA GLY A 92 6.14 4.70 4.92
C GLY A 92 6.39 3.24 4.58
N SER A 93 6.56 2.39 5.61
CA SER A 93 6.39 2.73 7.01
C SER A 93 7.48 3.66 7.53
N VAL A 94 7.06 4.55 8.42
CA VAL A 94 7.96 5.47 9.15
C VAL A 94 8.03 5.05 10.61
N THR A 95 9.23 4.95 11.15
CA THR A 95 9.45 4.60 12.57
C THR A 95 9.79 5.86 13.35
N PRO A 96 9.59 5.87 14.67
CA PRO A 96 9.83 7.11 15.42
C PRO A 96 11.24 7.65 15.29
N LYS A 97 12.22 6.80 15.62
N LYS A 97 12.22 6.79 15.61
CA LYS A 97 13.66 7.13 15.48
CA LYS A 97 13.65 7.13 15.46
C LYS A 97 14.13 6.59 14.13
C LYS A 97 14.12 6.59 14.13
N PRO A 98 15.15 7.21 13.52
CA PRO A 98 15.78 6.64 12.33
C PRO A 98 16.32 5.23 12.68
N GLN A 99 16.24 4.33 11.72
CA GLN A 99 16.92 3.02 11.89
C GLN A 99 17.29 2.46 10.51
N GLU A 100 18.31 1.63 10.52
CA GLU A 100 18.98 1.18 9.28
C GLU A 100 18.18 0.06 8.61
N GLY A 101 17.44 -0.73 9.39
CA GLY A 101 16.84 -1.97 8.88
C GLY A 101 17.85 -3.10 8.84
N ASN A 102 17.48 -4.17 8.16
CA ASN A 102 18.28 -5.42 8.12
C ASN A 102 19.51 -5.22 7.25
N PRO A 103 20.55 -6.07 7.44
CA PRO A 103 21.71 -6.08 6.54
C PRO A 103 21.33 -6.48 5.10
N ARG A 104 22.09 -5.94 4.13
CA ARG A 104 21.94 -6.21 2.67
CA ARG A 104 21.94 -6.22 2.68
C ARG A 104 22.72 -7.47 2.33
N PRO A 105 22.23 -8.35 1.43
CA PRO A 105 21.00 -8.14 0.65
C PRO A 105 19.70 -8.44 1.43
N ARG A 106 18.66 -7.65 1.15
CA ARG A 106 17.38 -7.76 1.88
C ARG A 106 16.19 -7.61 0.93
N VAL A 107 16.44 -7.65 -0.38
N VAL A 107 16.42 -7.69 -0.37
CA VAL A 107 15.38 -7.61 -1.43
CA VAL A 107 15.30 -7.70 -1.35
C VAL A 107 15.78 -8.64 -2.48
C VAL A 107 15.74 -8.60 -2.50
N PHE A 108 14.82 -9.42 -2.96
CA PHE A 108 15.10 -10.56 -3.87
C PHE A 108 14.02 -10.60 -4.93
N ARG A 109 14.45 -10.68 -6.19
N ARG A 109 14.44 -10.70 -6.19
CA ARG A 109 13.51 -10.77 -7.33
CA ARG A 109 13.50 -10.73 -7.33
C ARG A 109 13.20 -12.23 -7.65
C ARG A 109 13.21 -12.20 -7.69
N LEU A 110 11.94 -12.52 -7.93
CA LEU A 110 11.48 -13.83 -8.42
C LEU A 110 10.77 -13.59 -9.73
N PRO A 111 11.50 -13.26 -10.82
CA PRO A 111 10.82 -12.86 -12.06
C PRO A 111 9.98 -13.99 -12.67
N GLU A 112 10.36 -15.23 -12.45
CA GLU A 112 9.59 -16.40 -12.98
C GLU A 112 8.22 -16.47 -12.30
N ASP A 113 8.09 -15.87 -11.13
CA ASP A 113 6.84 -15.86 -10.34
C ASP A 113 6.14 -14.49 -10.36
N GLN A 114 6.74 -13.50 -11.04
N GLN A 114 6.72 -13.49 -11.02
CA GLN A 114 6.32 -12.07 -10.96
CA GLN A 114 6.23 -12.08 -10.96
C GLN A 114 6.12 -11.70 -9.49
C GLN A 114 6.11 -11.70 -9.48
N ALA A 115 7.14 -12.00 -8.69
CA ALA A 115 7.12 -11.83 -7.24
C ALA A 115 8.42 -11.19 -6.77
N VAL A 116 8.34 -10.68 -5.57
CA VAL A 116 9.50 -10.19 -4.80
C VAL A 116 9.41 -10.78 -3.40
N ILE A 117 10.58 -11.01 -2.80
CA ILE A 117 10.68 -11.25 -1.34
C ILE A 117 11.51 -10.11 -0.76
N ASN A 118 11.02 -9.49 0.30
CA ASN A 118 11.81 -8.45 0.99
C ASN A 118 11.86 -8.73 2.48
N ARG A 119 12.98 -8.28 3.07
CA ARG A 119 13.18 -8.26 4.51
C ARG A 119 13.88 -6.95 4.85
N TYR A 120 13.34 -5.83 4.38
CA TYR A 120 13.98 -4.52 4.68
C TYR A 120 14.10 -4.28 6.19
N GLY A 121 13.11 -4.66 6.97
CA GLY A 121 13.14 -4.45 8.43
C GLY A 121 12.93 -3.00 8.84
N PHE A 122 12.05 -2.29 8.16
CA PHE A 122 11.67 -0.92 8.53
C PHE A 122 12.89 -0.02 8.57
N ASN A 123 13.62 -0.01 7.48
CA ASN A 123 14.65 1.03 7.25
C ASN A 123 13.88 2.34 7.17
N SER A 124 14.19 3.29 8.00
CA SER A 124 13.38 4.52 8.06
C SER A 124 14.26 5.72 8.41
N HIS A 125 14.02 6.82 7.70
CA HIS A 125 14.62 8.11 8.08
C HIS A 125 14.09 8.64 9.41
N GLY A 126 13.00 8.09 9.90
CA GLY A 126 12.41 8.49 11.18
C GLY A 126 11.44 9.65 11.07
N LEU A 127 10.62 9.79 12.10
CA LEU A 127 9.50 10.75 12.04
C LEU A 127 9.97 12.19 11.78
N SER A 128 11.02 12.64 12.46
N SER A 128 11.02 12.67 12.43
CA SER A 128 11.48 14.06 12.37
CA SER A 128 11.40 14.09 12.33
C SER A 128 11.81 14.40 10.91
C SER A 128 11.82 14.41 10.90
N VAL A 129 12.62 13.55 10.26
CA VAL A 129 13.04 13.83 8.86
C VAL A 129 11.79 13.84 7.96
N VAL A 130 10.91 12.85 8.12
CA VAL A 130 9.74 12.77 7.22
C VAL A 130 8.82 13.95 7.52
N GLU A 131 8.66 14.32 8.78
CA GLU A 131 7.81 15.48 9.15
C GLU A 131 8.27 16.72 8.39
N HIS A 132 9.57 16.99 8.42
CA HIS A 132 10.10 18.20 7.76
C HIS A 132 9.94 18.09 6.24
N ARG A 133 10.10 16.90 5.67
CA ARG A 133 9.92 16.70 4.22
C ARG A 133 8.45 16.99 3.85
N LEU A 134 7.49 16.49 4.63
CA LEU A 134 6.08 16.74 4.30
C LEU A 134 5.71 18.19 4.58
N ARG A 135 6.27 18.79 5.62
CA ARG A 135 5.96 20.22 5.89
C ARG A 135 6.37 21.11 4.71
N ALA A 136 7.45 20.77 4.02
CA ALA A 136 7.96 21.60 2.92
C ALA A 136 6.93 21.70 1.78
N ARG A 137 6.00 20.74 1.69
CA ARG A 137 4.98 20.67 0.61
C ARG A 137 3.58 20.56 1.23
N GLN A 138 3.38 21.01 2.49
CA GLN A 138 2.09 20.78 3.19
C GLN A 138 0.94 21.46 2.42
N GLN A 139 1.12 22.68 1.95
CA GLN A 139 0.01 23.40 1.28
C GLN A 139 -0.17 22.85 -0.12
N LYS A 140 0.91 22.42 -0.77
N LYS A 140 0.92 22.43 -0.79
CA LYS A 140 0.80 21.73 -2.08
CA LYS A 140 0.79 21.74 -2.09
C LYS A 140 -0.04 20.47 -1.91
C LYS A 140 -0.08 20.48 -1.89
N GLN A 141 0.18 19.72 -0.83
CA GLN A 141 -0.63 18.53 -0.55
C GLN A 141 -2.07 18.92 -0.26
N ALA A 142 -2.30 19.99 0.50
CA ALA A 142 -3.70 20.36 0.80
C ALA A 142 -4.46 20.59 -0.52
N LYS A 143 -3.81 21.19 -1.52
CA LYS A 143 -4.47 21.47 -2.82
C LYS A 143 -4.66 20.13 -3.57
N LEU A 144 -3.67 19.26 -3.54
CA LEU A 144 -3.80 17.93 -4.22
C LEU A 144 -4.97 17.16 -3.60
N THR A 145 -5.05 17.14 -2.28
CA THR A 145 -6.14 16.43 -1.59
C THR A 145 -7.50 17.00 -2.02
N GLU A 146 -7.61 18.32 -2.04
CA GLU A 146 -8.87 18.99 -2.43
C GLU A 146 -9.23 18.59 -3.87
N ASP A 147 -8.20 18.39 -4.70
N ASP A 147 -8.21 18.38 -4.72
CA ASP A 147 -8.30 17.99 -6.14
CA ASP A 147 -8.37 18.00 -6.15
C ASP A 147 -8.43 16.47 -6.31
C ASP A 147 -8.62 16.50 -6.32
N GLY A 148 -8.65 15.71 -5.23
CA GLY A 148 -8.95 14.27 -5.28
C GLY A 148 -7.71 13.41 -5.27
N LEU A 149 -6.60 13.88 -4.70
CA LEU A 149 -5.32 13.13 -4.66
C LEU A 149 -4.78 13.06 -3.24
N PRO A 150 -5.41 12.22 -2.38
CA PRO A 150 -5.03 12.19 -0.98
C PRO A 150 -3.70 11.48 -0.70
N LEU A 151 -3.22 11.75 0.52
CA LEU A 151 -1.94 11.22 1.04
C LEU A 151 -2.19 10.38 2.29
N GLY A 152 -1.62 9.18 2.28
CA GLY A 152 -1.63 8.31 3.45
C GLY A 152 -0.22 8.20 4.02
N VAL A 153 -0.14 8.02 5.32
CA VAL A 153 1.13 7.83 6.02
C VAL A 153 1.04 6.56 6.84
N ASN A 154 1.98 5.66 6.59
CA ASN A 154 2.01 4.35 7.25
C ASN A 154 3.05 4.37 8.36
N LEU A 155 2.60 4.03 9.57
CA LEU A 155 3.43 4.13 10.78
C LEU A 155 3.92 2.74 11.17
N GLY A 156 5.17 2.66 11.53
CA GLY A 156 5.79 1.47 12.11
C GLY A 156 6.39 1.74 13.47
N LYS A 157 7.10 0.75 13.96
CA LYS A 157 7.70 0.82 15.30
C LYS A 157 9.18 0.47 15.19
N ASN A 158 9.97 1.07 16.06
CA ASN A 158 11.42 0.79 16.10
C ASN A 158 11.67 -0.63 16.59
N LYS A 159 12.74 -1.20 16.07
CA LYS A 159 13.18 -2.58 16.41
C LYS A 159 13.34 -2.69 17.93
N THR A 160 13.96 -1.71 18.58
CA THR A 160 14.37 -1.85 20.00
C THR A 160 13.32 -1.24 20.93
N SER A 161 12.19 -0.77 20.40
CA SER A 161 11.15 -0.12 21.23
C SER A 161 10.59 -1.14 22.24
N VAL A 162 10.39 -0.72 23.49
CA VAL A 162 9.78 -1.55 24.57
C VAL A 162 8.24 -1.39 24.56
N ASP A 163 7.73 -0.28 24.04
CA ASP A 163 6.30 0.10 24.17
C ASP A 163 5.78 0.37 22.76
N ALA A 164 5.27 -0.64 22.06
CA ALA A 164 4.82 -0.52 20.66
C ALA A 164 3.77 0.59 20.55
N ALA A 165 2.79 0.58 21.43
CA ALA A 165 1.68 1.55 21.37
C ALA A 165 2.25 2.96 21.45
N GLU A 166 3.29 3.20 22.26
CA GLU A 166 3.87 4.57 22.33
C GLU A 166 4.55 4.92 21.00
N ASP A 167 5.17 3.98 20.31
CA ASP A 167 5.75 4.29 18.98
C ASP A 167 4.64 4.74 18.04
N TYR A 168 3.53 4.01 17.99
CA TYR A 168 2.43 4.39 17.07
C TYR A 168 1.84 5.75 17.49
N ALA A 169 1.66 5.96 18.78
CA ALA A 169 1.12 7.24 19.31
C ALA A 169 2.02 8.39 18.87
N GLU A 170 3.34 8.22 18.94
N GLU A 170 3.33 8.23 18.95
CA GLU A 170 4.32 9.24 18.50
CA GLU A 170 4.27 9.29 18.51
C GLU A 170 4.12 9.54 17.01
C GLU A 170 4.05 9.55 17.02
N GLY A 171 3.89 8.51 16.20
CA GLY A 171 3.62 8.69 14.77
C GLY A 171 2.37 9.48 14.52
N VAL A 172 1.31 9.16 15.27
CA VAL A 172 0.03 9.91 15.13
C VAL A 172 0.28 11.37 15.44
N ARG A 173 0.98 11.65 16.54
CA ARG A 173 1.20 13.06 16.94
C ARG A 173 2.05 13.82 15.91
N VAL A 174 3.04 13.17 15.35
CA VAL A 174 4.02 13.87 14.48
C VAL A 174 3.53 13.92 13.04
N LEU A 175 3.05 12.81 12.50
CA LEU A 175 2.65 12.77 11.09
C LEU A 175 1.14 12.83 10.87
N GLY A 176 0.33 12.51 11.87
CA GLY A 176 -1.10 12.67 11.74
C GLY A 176 -1.53 13.99 11.15
N PRO A 177 -0.93 15.13 11.61
CA PRO A 177 -1.36 16.43 11.11
C PRO A 177 -1.02 16.72 9.65
N LEU A 178 -0.25 15.84 9.02
CA LEU A 178 0.22 16.00 7.63
C LEU A 178 -0.46 14.96 6.72
N ALA A 179 -1.34 14.11 7.24
CA ALA A 179 -1.86 12.94 6.52
C ALA A 179 -3.36 13.06 6.30
N ASP A 180 -3.86 12.48 5.20
CA ASP A 180 -5.32 12.30 5.06
C ASP A 180 -5.74 11.02 5.76
N TYR A 181 -4.87 10.01 5.76
CA TYR A 181 -5.11 8.80 6.57
C TYR A 181 -3.77 8.31 7.11
N LEU A 182 -3.87 7.67 8.25
CA LEU A 182 -2.75 6.97 8.89
C LEU A 182 -3.02 5.49 8.85
N VAL A 183 -1.94 4.72 8.77
CA VAL A 183 -1.99 3.26 8.77
C VAL A 183 -1.18 2.74 9.95
N VAL A 184 -1.84 1.96 10.79
CA VAL A 184 -1.19 1.25 11.90
C VAL A 184 -0.81 -0.06 11.28
N ASN A 185 0.47 -0.10 10.93
CA ASN A 185 1.03 -1.28 10.29
C ASN A 185 1.36 -2.28 11.37
N VAL A 186 0.49 -3.25 11.61
CA VAL A 186 0.78 -4.33 12.59
C VAL A 186 1.10 -5.64 11.85
N SER A 187 1.54 -5.58 10.58
CA SER A 187 1.59 -6.79 9.74
C SER A 187 2.89 -6.94 8.98
N SER A 188 3.94 -6.14 9.26
CA SER A 188 5.27 -6.47 8.70
C SER A 188 5.68 -7.86 9.13
N PRO A 189 6.16 -8.72 8.21
CA PRO A 189 6.74 -9.98 8.62
C PRO A 189 8.20 -9.89 9.11
N ASN A 190 8.78 -8.68 9.08
CA ASN A 190 10.24 -8.45 9.22
C ASN A 190 10.60 -7.65 10.47
N THR A 191 9.67 -7.52 11.43
CA THR A 191 9.95 -6.98 12.79
C THR A 191 9.44 -8.01 13.79
N ALA A 192 10.34 -8.55 14.61
CA ALA A 192 10.05 -9.62 15.59
C ALA A 192 8.94 -9.14 16.54
N GLY A 193 7.89 -9.95 16.70
CA GLY A 193 6.77 -9.68 17.64
C GLY A 193 5.72 -8.75 17.05
N LEU A 194 5.97 -8.08 15.91
CA LEU A 194 5.02 -7.04 15.40
C LEU A 194 3.66 -7.66 15.11
N ARG A 195 3.59 -8.81 14.45
CA ARG A 195 2.29 -9.37 13.98
C ARG A 195 1.47 -9.84 15.18
N SER A 196 2.10 -10.09 16.34
CA SER A 196 1.39 -10.39 17.62
C SER A 196 0.50 -9.22 18.02
N LEU A 197 0.78 -8.00 17.55
CA LEU A 197 -0.08 -6.82 17.83
C LEU A 197 -1.43 -6.95 17.11
N GLN A 198 -1.61 -7.91 16.18
CA GLN A 198 -2.91 -8.20 15.55
C GLN A 198 -3.84 -8.96 16.51
N GLY A 199 -3.33 -9.56 17.58
CA GLY A 199 -4.15 -10.35 18.53
C GLY A 199 -5.14 -9.47 19.27
N LYS A 200 -6.25 -10.02 19.79
CA LYS A 200 -7.43 -9.21 20.23
C LYS A 200 -7.11 -8.20 21.35
N ALA A 201 -6.58 -8.64 22.50
CA ALA A 201 -6.39 -7.82 23.73
C ALA A 201 -5.37 -6.71 23.44
N GLU A 202 -4.29 -7.09 22.73
CA GLU A 202 -3.16 -6.22 22.34
C GLU A 202 -3.65 -5.22 21.29
N LEU A 203 -4.38 -5.66 20.27
CA LEU A 203 -4.91 -4.73 19.25
C LEU A 203 -5.86 -3.72 19.89
N ARG A 204 -6.76 -4.15 20.78
CA ARG A 204 -7.78 -3.23 21.37
C ARG A 204 -7.06 -2.14 22.17
N ARG A 205 -6.09 -2.51 23.00
CA ARG A 205 -5.30 -1.57 23.84
C ARG A 205 -4.56 -0.59 22.90
N LEU A 206 -3.86 -1.15 21.90
N LEU A 206 -3.88 -1.15 21.89
CA LEU A 206 -3.05 -0.35 20.93
CA LEU A 206 -3.03 -0.36 20.96
C LEU A 206 -3.95 0.64 20.22
C LEU A 206 -3.90 0.61 20.17
N LEU A 207 -5.03 0.15 19.61
CA LEU A 207 -5.88 1.00 18.75
C LEU A 207 -6.62 2.03 19.61
N THR A 208 -6.98 1.71 20.85
CA THR A 208 -7.62 2.70 21.73
C THR A 208 -6.66 3.90 21.89
N LYS A 209 -5.39 3.61 22.15
CA LYS A 209 -4.37 4.66 22.38
C LYS A 209 -4.19 5.46 21.09
N VAL A 210 -4.11 4.78 19.96
CA VAL A 210 -3.94 5.46 18.65
C VAL A 210 -5.13 6.39 18.38
N LEU A 211 -6.33 5.90 18.59
CA LEU A 211 -7.54 6.71 18.28
C LEU A 211 -7.64 7.89 19.26
N GLN A 212 -7.29 7.72 20.53
CA GLN A 212 -7.28 8.83 21.54
C GLN A 212 -6.33 9.90 21.00
N GLU A 213 -5.15 9.50 20.56
CA GLU A 213 -4.14 10.47 20.04
C GLU A 213 -4.69 11.19 18.81
N ARG A 214 -5.29 10.46 17.88
CA ARG A 214 -5.82 11.03 16.64
C ARG A 214 -6.94 12.03 16.99
N ASP A 215 -7.81 11.65 17.92
CA ASP A 215 -8.97 12.47 18.30
C ASP A 215 -8.49 13.79 18.93
N GLY A 216 -7.29 13.80 19.50
CA GLY A 216 -6.71 14.99 20.11
C GLY A 216 -6.11 15.97 19.13
N LEU A 217 -6.11 15.67 17.85
CA LEU A 217 -5.59 16.60 16.84
C LEU A 217 -6.71 17.57 16.43
N ARG A 218 -6.30 18.79 16.06
CA ARG A 218 -7.24 19.79 15.55
C ARG A 218 -7.94 19.27 14.30
N ARG A 219 -9.20 19.67 14.12
CA ARG A 219 -10.10 19.13 13.08
C ARG A 219 -9.43 19.07 11.69
N VAL A 220 -8.83 20.16 11.23
CA VAL A 220 -8.28 20.18 9.84
C VAL A 220 -7.05 19.26 9.73
N HIS A 221 -6.53 18.78 10.84
CA HIS A 221 -5.30 17.97 10.96
C HIS A 221 -5.62 16.57 11.50
N ARG A 222 -6.87 16.14 11.40
CA ARG A 222 -7.35 14.91 12.06
C ARG A 222 -7.57 13.84 10.98
N PRO A 223 -6.62 12.90 10.78
CA PRO A 223 -6.74 11.90 9.73
C PRO A 223 -7.63 10.72 10.08
N ALA A 224 -8.08 10.02 9.04
CA ALA A 224 -8.63 8.67 9.21
C ALA A 224 -7.53 7.74 9.73
N VAL A 225 -7.93 6.69 10.45
CA VAL A 225 -7.00 5.66 10.96
C VAL A 225 -7.44 4.30 10.37
N LEU A 226 -6.50 3.67 9.70
CA LEU A 226 -6.69 2.32 9.15
C LEU A 226 -5.69 1.36 9.82
N VAL A 227 -6.07 0.09 9.83
CA VAL A 227 -5.18 -1.00 10.30
C VAL A 227 -4.82 -1.84 9.07
N LYS A 228 -3.54 -2.10 8.91
CA LYS A 228 -3.07 -2.94 7.80
C LYS A 228 -2.76 -4.33 8.35
N ILE A 229 -3.34 -5.34 7.73
CA ILE A 229 -3.28 -6.70 8.24
C ILE A 229 -2.56 -7.62 7.26
N ALA A 230 -2.11 -8.71 7.85
CA ALA A 230 -1.39 -9.76 7.15
C ALA A 230 -2.37 -10.63 6.38
N PRO A 231 -1.86 -11.37 5.37
CA PRO A 231 -2.61 -12.37 4.64
C PRO A 231 -2.58 -13.75 5.32
N ASP A 232 -1.84 -13.84 6.44
CA ASP A 232 -1.48 -15.12 7.10
C ASP A 232 -2.23 -15.30 8.42
N LEU A 233 -3.33 -14.62 8.58
CA LEU A 233 -4.11 -14.66 9.84
C LEU A 233 -4.92 -15.93 9.89
N THR A 234 -5.12 -16.43 11.11
CA THR A 234 -6.10 -17.49 11.34
C THR A 234 -7.51 -16.90 11.20
N SER A 235 -8.49 -17.77 11.04
N SER A 235 -8.51 -17.76 11.04
CA SER A 235 -9.92 -17.39 11.06
CA SER A 235 -9.94 -17.33 11.04
C SER A 235 -10.22 -16.64 12.37
C SER A 235 -10.26 -16.66 12.38
N GLN A 236 -9.70 -17.14 13.49
CA GLN A 236 -9.91 -16.51 14.82
C GLN A 236 -9.33 -15.09 14.83
N ASP A 237 -8.13 -14.94 14.28
CA ASP A 237 -7.48 -13.61 14.23
C ASP A 237 -8.38 -12.63 13.44
N LYS A 238 -8.89 -13.08 12.29
CA LYS A 238 -9.73 -12.22 11.42
C LYS A 238 -11.03 -11.84 12.13
N GLU A 239 -11.68 -12.77 12.82
CA GLU A 239 -12.89 -12.47 13.57
C GLU A 239 -12.61 -11.45 14.68
N ASP A 240 -11.50 -11.62 15.35
CA ASP A 240 -11.09 -10.72 16.45
C ASP A 240 -10.82 -9.32 15.89
N ILE A 241 -10.10 -9.22 14.78
CA ILE A 241 -9.81 -7.90 14.18
C ILE A 241 -11.12 -7.22 13.79
N ALA A 242 -12.02 -7.95 13.16
CA ALA A 242 -13.32 -7.39 12.74
C ALA A 242 -14.07 -6.86 13.97
N SER A 243 -14.07 -7.63 15.06
CA SER A 243 -14.77 -7.26 16.30
C SER A 243 -14.19 -5.96 16.85
N VAL A 244 -12.86 -5.86 16.93
CA VAL A 244 -12.19 -4.69 17.52
C VAL A 244 -12.44 -3.45 16.63
N VAL A 245 -12.31 -3.61 15.32
CA VAL A 245 -12.49 -2.50 14.36
C VAL A 245 -13.89 -1.91 14.52
N LYS A 246 -14.91 -2.75 14.65
CA LYS A 246 -16.30 -2.24 14.80
C LYS A 246 -16.49 -1.64 16.20
N GLU A 247 -15.94 -2.27 17.24
CA GLU A 247 -16.06 -1.79 18.64
C GLU A 247 -15.46 -0.37 18.76
N LEU A 248 -14.32 -0.13 18.11
CA LEU A 248 -13.57 1.13 18.34
C LEU A 248 -13.87 2.18 17.26
N GLY A 249 -14.54 1.82 16.18
CA GLY A 249 -14.82 2.77 15.09
C GLY A 249 -13.56 3.08 14.28
N ILE A 250 -12.67 2.10 14.10
CA ILE A 250 -11.54 2.23 13.16
C ILE A 250 -12.12 2.58 11.80
N ASP A 251 -11.45 3.45 11.05
CA ASP A 251 -12.03 4.02 9.82
C ASP A 251 -11.92 3.05 8.63
N GLY A 252 -10.95 2.16 8.64
CA GLY A 252 -10.76 1.27 7.51
C GLY A 252 -9.69 0.23 7.73
N LEU A 253 -9.57 -0.67 6.76
CA LEU A 253 -8.54 -1.72 6.79
C LEU A 253 -7.76 -1.66 5.49
N ILE A 254 -6.48 -2.02 5.57
CA ILE A 254 -5.63 -2.26 4.39
C ILE A 254 -5.33 -3.74 4.41
N VAL A 255 -5.68 -4.37 3.31
CA VAL A 255 -5.75 -5.85 3.20
C VAL A 255 -5.13 -6.21 1.86
N THR A 256 -3.87 -6.66 1.80
CA THR A 256 -3.01 -7.17 2.83
C THR A 256 -1.56 -6.73 2.63
N ASN A 257 -0.80 -6.94 3.69
CA ASN A 257 0.67 -6.92 3.64
C ASN A 257 1.19 -8.15 2.88
N THR A 258 2.49 -8.30 2.86
CA THR A 258 3.15 -9.48 2.27
C THR A 258 2.93 -10.74 3.09
N THR A 259 3.13 -11.89 2.43
CA THR A 259 2.93 -13.20 3.08
C THR A 259 4.28 -13.82 3.48
N VAL A 260 4.27 -14.48 4.64
CA VAL A 260 5.38 -15.35 5.08
C VAL A 260 5.15 -16.77 4.60
N SER A 261 4.04 -17.04 3.93
CA SER A 261 3.84 -18.34 3.27
C SER A 261 4.67 -18.40 2.00
N ARG A 262 4.84 -19.63 1.51
CA ARG A 262 5.51 -19.86 0.22
C ARG A 262 4.60 -20.80 -0.54
N PRO A 263 3.61 -20.24 -1.29
CA PRO A 263 2.67 -21.07 -2.00
C PRO A 263 3.40 -22.12 -2.82
N ALA A 264 2.81 -23.28 -2.91
CA ALA A 264 3.30 -24.35 -3.80
C ALA A 264 3.39 -23.74 -5.20
N GLY A 265 4.45 -24.08 -5.91
CA GLY A 265 4.57 -23.70 -7.32
C GLY A 265 5.54 -22.57 -7.55
N LEU A 266 6.02 -21.89 -6.52
CA LEU A 266 7.06 -20.86 -6.76
C LEU A 266 8.25 -21.51 -7.47
N GLN A 267 8.77 -20.82 -8.49
CA GLN A 267 9.90 -21.30 -9.31
C GLN A 267 11.19 -20.53 -9.04
N GLY A 268 11.11 -19.30 -8.58
CA GLY A 268 12.32 -18.49 -8.46
C GLY A 268 13.36 -19.20 -7.62
N ALA A 269 14.62 -19.05 -8.00
CA ALA A 269 15.75 -19.64 -7.24
C ALA A 269 15.73 -19.14 -5.78
N LEU A 270 15.21 -17.92 -5.56
CA LEU A 270 15.30 -17.23 -4.26
C LEU A 270 14.05 -17.45 -3.43
N ARG A 271 13.19 -18.43 -3.78
CA ARG A 271 11.90 -18.61 -3.10
C ARG A 271 12.03 -18.90 -1.60
N SER A 272 13.17 -19.45 -1.14
CA SER A 272 13.33 -19.85 0.26
C SER A 272 14.09 -18.77 1.06
N GLU A 273 14.31 -17.61 0.48
CA GLU A 273 14.79 -16.45 1.27
C GLU A 273 13.75 -16.11 2.34
N THR A 274 14.22 -15.69 3.51
CA THR A 274 13.36 -15.10 4.56
C THR A 274 12.79 -13.76 4.10
N GLY A 275 11.51 -13.54 4.38
CA GLY A 275 10.89 -12.23 4.19
C GLY A 275 9.47 -12.35 3.72
N GLY A 276 8.90 -11.20 3.39
CA GLY A 276 7.54 -11.17 2.88
C GLY A 276 7.51 -11.30 1.39
N LEU A 277 6.63 -12.19 0.89
N LEU A 277 6.65 -12.20 0.89
CA LEU A 277 6.41 -12.42 -0.54
CA LEU A 277 6.43 -12.40 -0.56
C LEU A 277 5.26 -11.51 -1.03
C LEU A 277 5.28 -11.50 -1.02
N SER A 278 5.51 -10.82 -2.14
CA SER A 278 4.56 -9.91 -2.80
C SER A 278 4.38 -10.32 -4.27
N GLY A 279 3.47 -9.65 -4.96
CA GLY A 279 3.25 -9.91 -6.40
C GLY A 279 2.25 -11.03 -6.65
N LYS A 280 2.36 -11.66 -7.79
CA LYS A 280 1.28 -12.53 -8.31
C LYS A 280 0.97 -13.64 -7.34
N PRO A 281 1.95 -14.30 -6.66
CA PRO A 281 1.57 -15.41 -5.81
C PRO A 281 0.72 -15.03 -4.59
N LEU A 282 0.74 -13.76 -4.24
CA LEU A 282 -0.04 -13.21 -3.12
C LEU A 282 -1.46 -12.84 -3.55
N ARG A 283 -1.69 -12.67 -4.84
CA ARG A 283 -2.90 -11.98 -5.33
C ARG A 283 -4.15 -12.61 -4.72
N ASP A 284 -4.37 -13.91 -4.94
CA ASP A 284 -5.70 -14.48 -4.59
C ASP A 284 -5.81 -14.66 -3.06
N LEU A 285 -4.69 -14.89 -2.36
N LEU A 285 -4.70 -14.92 -2.35
CA LEU A 285 -4.69 -14.93 -0.90
CA LEU A 285 -4.72 -14.89 -0.86
C LEU A 285 -5.15 -13.57 -0.35
C LEU A 285 -5.23 -13.53 -0.40
N SER A 286 -4.72 -12.46 -0.95
N SER A 286 -4.72 -12.46 -0.97
N SER A 286 -4.78 -12.54 -0.99
CA SER A 286 -5.15 -11.09 -0.57
CA SER A 286 -5.14 -11.09 -0.58
CA SER A 286 -5.19 -11.20 -0.48
C SER A 286 -6.63 -10.89 -0.90
C SER A 286 -6.62 -10.88 -0.90
C SER A 286 -6.63 -10.88 -0.90
N THR A 287 -7.03 -11.24 -2.13
CA THR A 287 -8.45 -11.07 -2.55
C THR A 287 -9.38 -11.80 -1.57
N GLN A 288 -9.03 -13.03 -1.20
N GLN A 288 -9.02 -13.03 -1.23
CA GLN A 288 -9.89 -13.83 -0.29
CA GLN A 288 -9.83 -13.83 -0.29
C GLN A 288 -9.86 -13.26 1.15
C GLN A 288 -9.90 -13.15 1.08
N THR A 289 -8.78 -12.59 1.54
CA THR A 289 -8.74 -11.89 2.83
C THR A 289 -9.68 -10.68 2.79
N ILE A 290 -9.66 -9.92 1.70
CA ILE A 290 -10.60 -8.79 1.50
C ILE A 290 -12.02 -9.31 1.64
N ARG A 291 -12.30 -10.41 0.93
CA ARG A 291 -13.66 -10.95 0.87
C ARG A 291 -14.13 -11.27 2.29
N GLU A 292 -13.28 -11.92 3.08
N GLU A 292 -13.27 -11.92 3.07
CA GLU A 292 -13.66 -12.32 4.46
CA GLU A 292 -13.57 -12.34 4.46
C GLU A 292 -13.80 -11.07 5.34
C GLU A 292 -13.79 -11.09 5.32
N MET A 293 -12.88 -10.13 5.25
CA MET A 293 -12.96 -8.94 6.12
C MET A 293 -14.18 -8.08 5.77
N TYR A 294 -14.57 -8.01 4.52
CA TYR A 294 -15.76 -7.25 4.11
C TYR A 294 -16.98 -7.91 4.77
N ALA A 295 -17.08 -9.24 4.64
CA ALA A 295 -18.22 -9.97 5.22
C ALA A 295 -18.25 -9.80 6.74
N LEU A 296 -17.12 -9.96 7.42
CA LEU A 296 -17.08 -9.87 8.89
C LEU A 296 -17.42 -8.45 9.39
N THR A 297 -17.25 -7.43 8.55
CA THR A 297 -17.53 -6.04 8.92
C THR A 297 -18.84 -5.56 8.28
N GLN A 298 -19.61 -6.48 7.66
CA GLN A 298 -20.94 -6.19 7.09
C GLN A 298 -20.84 -5.08 6.03
N GLY A 299 -19.71 -4.98 5.36
CA GLY A 299 -19.51 -3.99 4.29
C GLY A 299 -19.48 -2.57 4.80
N ARG A 300 -19.40 -2.36 6.11
CA ARG A 300 -19.51 -1.02 6.75
C ARG A 300 -18.13 -0.38 6.98
N VAL A 301 -17.03 -1.10 6.70
CA VAL A 301 -15.66 -0.63 6.99
C VAL A 301 -14.92 -0.60 5.66
N PRO A 302 -14.54 0.60 5.18
CA PRO A 302 -13.79 0.68 3.94
C PRO A 302 -12.52 -0.16 3.98
N ILE A 303 -12.24 -0.81 2.86
CA ILE A 303 -11.04 -1.64 2.68
C ILE A 303 -10.24 -1.09 1.51
N ILE A 304 -8.95 -0.99 1.72
CA ILE A 304 -7.98 -0.75 0.62
C ILE A 304 -7.38 -2.12 0.34
N GLY A 305 -7.59 -2.60 -0.88
CA GLY A 305 -7.16 -3.93 -1.28
C GLY A 305 -5.81 -3.87 -1.93
N VAL A 306 -4.92 -4.77 -1.51
CA VAL A 306 -3.54 -4.74 -2.02
C VAL A 306 -2.96 -6.15 -1.97
N GLY A 307 -2.20 -6.47 -3.00
CA GLY A 307 -1.50 -7.74 -3.11
C GLY A 307 -1.67 -8.30 -4.50
N GLY A 308 -0.62 -8.26 -5.30
CA GLY A 308 -0.65 -8.86 -6.61
C GLY A 308 -1.53 -8.20 -7.65
N VAL A 309 -1.82 -6.92 -7.55
CA VAL A 309 -2.55 -6.20 -8.62
C VAL A 309 -1.60 -5.79 -9.74
N SER A 310 -1.82 -6.28 -10.96
N SER A 310 -1.82 -6.33 -10.94
CA SER A 310 -1.07 -5.81 -12.14
CA SER A 310 -1.04 -5.95 -12.17
C SER A 310 -1.95 -5.69 -13.38
C SER A 310 -1.97 -5.47 -13.31
N SER A 311 -3.27 -5.68 -13.21
CA SER A 311 -4.21 -5.50 -14.33
C SER A 311 -5.54 -4.93 -13.80
N GLY A 312 -6.36 -4.46 -14.73
CA GLY A 312 -7.72 -4.05 -14.41
C GLY A 312 -8.51 -5.20 -13.81
N GLN A 313 -8.36 -6.39 -14.36
CA GLN A 313 -9.10 -7.54 -13.80
C GLN A 313 -8.69 -7.76 -12.35
N ASP A 314 -7.40 -7.67 -12.03
CA ASP A 314 -6.95 -7.90 -10.67
C ASP A 314 -7.59 -6.83 -9.76
N ALA A 315 -7.60 -5.57 -10.22
CA ALA A 315 -8.19 -4.48 -9.43
C ALA A 315 -9.69 -4.74 -9.25
N LEU A 316 -10.40 -5.10 -10.33
CA LEU A 316 -11.86 -5.27 -10.21
C LEU A 316 -12.20 -6.47 -9.33
N GLU A 317 -11.39 -7.53 -9.35
CA GLU A 317 -11.65 -8.68 -8.44
C GLU A 317 -11.61 -8.21 -6.99
N LYS A 318 -10.63 -7.37 -6.66
CA LYS A 318 -10.54 -6.88 -5.28
C LYS A 318 -11.70 -5.94 -4.93
N ILE A 319 -12.10 -5.09 -5.87
CA ILE A 319 -13.24 -4.16 -5.67
C ILE A 319 -14.51 -4.98 -5.48
N ARG A 320 -14.76 -5.97 -6.33
CA ARG A 320 -15.98 -6.77 -6.21
C ARG A 320 -15.94 -7.59 -4.91
N ALA A 321 -14.76 -7.95 -4.41
CA ALA A 321 -14.64 -8.68 -3.14
C ALA A 321 -14.90 -7.77 -1.94
N GLY A 322 -14.85 -6.44 -2.11
CA GLY A 322 -15.11 -5.51 -1.01
C GLY A 322 -14.17 -4.35 -0.90
N ALA A 323 -13.14 -4.23 -1.75
CA ALA A 323 -12.25 -3.06 -1.67
C ALA A 323 -12.88 -1.82 -2.28
N SER A 324 -12.76 -0.68 -1.59
CA SER A 324 -13.18 0.63 -2.12
C SER A 324 -12.05 1.24 -2.97
N LEU A 325 -10.82 0.89 -2.62
CA LEU A 325 -9.60 1.38 -3.29
C LEU A 325 -8.66 0.19 -3.41
N VAL A 326 -7.70 0.29 -4.32
CA VAL A 326 -6.65 -0.73 -4.43
C VAL A 326 -5.29 -0.05 -4.43
N GLN A 327 -4.26 -0.79 -4.04
CA GLN A 327 -2.89 -0.35 -4.18
C GLN A 327 -2.09 -1.41 -4.92
N LEU A 328 -0.97 -0.98 -5.46
CA LEU A 328 0.04 -1.90 -6.03
C LEU A 328 1.44 -1.38 -5.71
N TYR A 329 2.37 -2.32 -5.68
CA TYR A 329 3.79 -1.99 -5.67
C TYR A 329 4.52 -2.95 -6.60
N THR A 330 4.50 -4.24 -6.28
CA THR A 330 5.38 -5.21 -7.00
C THR A 330 5.22 -5.13 -8.53
N ALA A 331 4.02 -4.92 -9.07
CA ALA A 331 3.83 -4.83 -10.52
C ALA A 331 4.71 -3.73 -11.11
N LEU A 332 4.89 -2.63 -10.39
N LEU A 332 4.89 -2.60 -10.41
CA LEU A 332 5.70 -1.49 -10.87
CA LEU A 332 5.77 -1.50 -10.89
C LEU A 332 7.17 -1.91 -11.06
C LEU A 332 7.16 -2.03 -11.19
N THR A 333 7.66 -2.96 -10.36
CA THR A 333 9.04 -3.42 -10.46
C THR A 333 9.24 -4.19 -11.78
N PHE A 334 8.16 -4.74 -12.36
CA PHE A 334 8.25 -5.53 -13.61
C PHE A 334 7.80 -4.72 -14.81
N TRP A 335 6.77 -3.88 -14.70
N TRP A 335 6.76 -3.88 -14.65
CA TRP A 335 6.20 -3.19 -15.89
CA TRP A 335 6.07 -3.16 -15.75
C TRP A 335 6.46 -1.68 -15.85
C TRP A 335 6.56 -1.71 -15.87
N GLY A 336 7.04 -1.13 -14.78
CA GLY A 336 7.39 0.29 -14.72
C GLY A 336 6.16 1.17 -14.67
N PRO A 337 6.38 2.49 -14.72
CA PRO A 337 5.30 3.46 -14.56
C PRO A 337 4.09 3.28 -15.46
N PRO A 338 4.20 2.80 -16.73
CA PRO A 338 3.01 2.64 -17.56
C PRO A 338 1.96 1.69 -16.98
N VAL A 339 2.34 0.86 -16.02
CA VAL A 339 1.34 -0.08 -15.41
C VAL A 339 0.17 0.68 -14.79
N VAL A 340 0.38 1.92 -14.33
CA VAL A 340 -0.69 2.64 -13.60
C VAL A 340 -1.83 2.96 -14.60
N GLY A 341 -1.49 3.53 -15.76
CA GLY A 341 -2.48 3.84 -16.80
C GLY A 341 -3.10 2.55 -17.32
N LYS A 342 -2.30 1.49 -17.42
CA LYS A 342 -2.79 0.16 -17.90
C LYS A 342 -3.90 -0.31 -16.98
N VAL A 343 -3.65 -0.32 -15.68
CA VAL A 343 -4.65 -0.81 -14.71
C VAL A 343 -5.91 0.05 -14.78
N LYS A 344 -5.73 1.37 -14.83
CA LYS A 344 -6.90 2.27 -14.88
C LYS A 344 -7.71 2.04 -16.16
N ARG A 345 -7.04 1.96 -17.31
CA ARG A 345 -7.74 1.79 -18.59
C ARG A 345 -8.51 0.46 -18.58
N GLU A 346 -7.86 -0.60 -18.14
CA GLU A 346 -8.49 -1.96 -18.12
C GLU A 346 -9.64 -1.97 -17.13
N LEU A 347 -9.50 -1.33 -15.97
CA LEU A 347 -10.57 -1.29 -14.95
C LEU A 347 -11.78 -0.55 -15.51
N GLU A 348 -11.58 0.61 -16.13
CA GLU A 348 -12.69 1.36 -16.75
C GLU A 348 -13.42 0.46 -17.76
N ALA A 349 -12.67 -0.21 -18.63
CA ALA A 349 -13.28 -1.03 -19.69
C ALA A 349 -14.11 -2.15 -19.05
N LEU A 350 -13.58 -2.82 -18.02
CA LEU A 350 -14.29 -3.94 -17.36
C LEU A 350 -15.55 -3.44 -16.65
N LEU A 351 -15.47 -2.29 -15.98
CA LEU A 351 -16.66 -1.73 -15.31
C LEU A 351 -17.78 -1.55 -16.35
N LYS A 352 -17.45 -1.02 -17.52
CA LYS A 352 -18.46 -0.78 -18.58
C LYS A 352 -18.98 -2.13 -19.06
N GLU A 353 -18.09 -3.09 -19.29
CA GLU A 353 -18.45 -4.43 -19.81
C GLU A 353 -19.37 -5.16 -18.82
N GLN A 354 -19.22 -4.90 -17.53
CA GLN A 354 -19.98 -5.62 -16.47
C GLN A 354 -21.18 -4.82 -15.98
N GLY A 355 -21.48 -3.68 -16.61
CA GLY A 355 -22.73 -2.93 -16.38
C GLY A 355 -22.65 -2.04 -15.15
N PHE A 356 -21.45 -1.72 -14.66
CA PHE A 356 -21.30 -0.84 -13.48
C PHE A 356 -21.23 0.61 -13.97
N GLY A 357 -21.99 1.50 -13.33
CA GLY A 357 -21.93 2.95 -13.60
C GLY A 357 -20.58 3.54 -13.24
N GLY A 358 -19.92 2.97 -12.23
CA GLY A 358 -18.60 3.43 -11.78
C GLY A 358 -18.03 2.47 -10.75
N VAL A 359 -16.86 2.79 -10.22
CA VAL A 359 -16.17 1.96 -9.20
C VAL A 359 -17.12 1.76 -8.03
N THR A 360 -17.80 2.81 -7.60
CA THR A 360 -18.62 2.75 -6.37
C THR A 360 -19.65 1.62 -6.47
N ASP A 361 -20.28 1.47 -7.63
CA ASP A 361 -21.35 0.48 -7.85
C ASP A 361 -20.78 -0.93 -7.74
N ALA A 362 -19.49 -1.12 -8.00
CA ALA A 362 -18.86 -2.46 -8.03
C ALA A 362 -18.37 -2.89 -6.63
N ILE A 363 -18.22 -1.95 -5.70
CA ILE A 363 -17.62 -2.29 -4.39
C ILE A 363 -18.50 -3.35 -3.71
N GLY A 364 -17.93 -4.50 -3.42
CA GLY A 364 -18.65 -5.57 -2.72
C GLY A 364 -19.65 -6.30 -3.59
N ALA A 365 -19.65 -6.09 -4.90
CA ALA A 365 -20.69 -6.65 -5.79
C ALA A 365 -20.77 -8.18 -5.68
N ASP A 366 -19.68 -8.87 -5.43
CA ASP A 366 -19.72 -10.36 -5.37
C ASP A 366 -20.60 -10.83 -4.21
N HIS A 367 -20.67 -10.06 -3.12
CA HIS A 367 -21.42 -10.44 -1.89
C HIS A 367 -22.93 -10.34 -2.15
N ARG A 368 -23.33 -9.68 -3.23
CA ARG A 368 -24.76 -9.43 -3.57
C ARG A 368 -25.24 -10.42 -4.66
N ARG A 369 -24.42 -11.39 -5.08
CA ARG A 369 -24.79 -12.42 -6.09
C ARG A 369 -25.54 -13.59 -5.46
N1 FMN B . 3.97 -2.46 3.66
C2 FMN B . 3.90 -1.65 4.71
O2 FMN B . 2.83 -1.46 5.31
N3 FMN B . 5.03 -0.94 5.10
C4 FMN B . 6.27 -1.07 4.54
O4 FMN B . 7.20 -0.34 4.92
C4A FMN B . 6.38 -1.96 3.43
N5 FMN B . 7.57 -2.14 2.83
C5A FMN B . 7.58 -2.92 1.70
C6 FMN B . 8.76 -3.07 0.96
C7 FMN B . 8.82 -3.80 -0.20
C7M FMN B . 10.10 -3.86 -0.98
C8 FMN B . 7.65 -4.42 -0.68
C8M FMN B . 7.63 -5.19 -1.98
C9 FMN B . 6.49 -4.31 0.05
C9A FMN B . 6.41 -3.56 1.24
N10 FMN B . 5.22 -3.45 1.98
C10 FMN B . 5.15 -2.62 3.06
C1' FMN B . 4.03 -4.17 1.54
C2' FMN B . 3.23 -3.52 0.42
O2' FMN B . 2.70 -2.27 0.84
C3' FMN B . 2.08 -4.38 -0.06
O3' FMN B . 1.18 -4.57 1.04
C4' FMN B . 2.50 -5.74 -0.62
O4' FMN B . 3.77 -5.67 -1.27
C5' FMN B . 1.48 -6.36 -1.54
O5' FMN B . 1.25 -5.55 -2.71
P FMN B . 2.02 -5.90 -4.10
O1P FMN B . 3.48 -5.46 -3.93
O2P FMN B . 1.83 -7.38 -4.37
O3P FMN B . 1.30 -5.00 -5.10
N1 ORO C . 8.27 -5.31 4.40
C2 ORO C . 7.01 -5.72 4.05
O2 ORO C . 6.81 -6.60 3.23
N3 ORO C . 6.00 -5.19 4.81
C4 ORO C . 6.14 -4.24 5.79
O4 ORO C . 5.15 -3.87 6.41
C5 ORO C . 7.48 -3.82 6.05
C6 ORO C . 8.50 -4.32 5.30
C7 ORO C . 9.92 -4.08 5.68
O71 ORO C . 10.26 -2.95 6.01
O72 ORO C . 10.64 -5.12 5.75
C1 A1A4M D . 11.04 -4.03 -4.62
C2 A1A4M D . 12.23 -3.13 -4.90
C4 A1A4M D . 11.62 -1.49 -6.70
C8 A1A4M D . 12.77 -3.28 -7.38
C11 A1A4M D . 11.50 -0.49 -9.02
C12 A1A4M D . 12.47 -0.11 -9.93
C17 A1A4M D . 10.51 2.32 -12.01
C19 A1A4M D . 10.83 1.33 -11.00
C21 A1A4M D . 10.22 0.04 -9.10
C23 A1A4M D . 11.44 3.74 -13.79
C24 A1A4M D . 11.70 3.41 -15.12
C27 A1A4M D . 11.07 6.01 -14.39
C30 A1A4M D . 14.58 0.84 -11.82
C32 A1A4M D . 14.72 -0.43 -12.68
C33 A1A4M D . 15.55 1.93 -12.22
N3 A1A4M D . 12.20 -2.65 -6.28
O5 A1A4M D . 11.06 -0.62 -6.01
N6 A1A4M D . 11.84 -1.46 -8.08
N7 A1A4M D . 12.56 -2.60 -8.45
C9 A1A4M D . 13.53 -4.56 -7.36
O10 A1A4M D . 12.76 -5.65 -6.96
C13 A1A4M D . 12.15 0.80 -10.93
C14 A1A4M D . 13.14 1.31 -11.87
N15 A1A4M D . 12.82 2.24 -12.70
N16 A1A4M D . 11.55 2.77 -12.80
O18 A1A4M D . 9.39 2.76 -12.14
C20 A1A4M D . 9.90 0.96 -10.03
F22 A1A4M D . 9.29 -0.34 -8.21
C25 A1A4M D . 11.66 4.41 -16.07
C26 A1A4M D . 11.35 5.71 -15.70
C28 A1A4M D . 11.13 5.04 -13.42
C29 A1A4M D . 10.84 5.44 -12.01
F34 A1A4M D . 15.37 3.09 -11.57
F35 A1A4M D . 16.81 1.53 -11.89
F36 A1A4M D . 15.53 2.20 -13.54
S SO4 E . -5.37 24.86 11.96
O1 SO4 E . -5.56 23.76 12.86
O2 SO4 E . -5.05 26.10 12.70
O3 SO4 E . -4.29 24.59 11.02
O4 SO4 E . -6.57 25.11 11.20
S SO4 F . -13.95 19.62 16.61
O1 SO4 F . -14.18 18.69 15.51
O2 SO4 F . -12.69 19.31 17.26
O3 SO4 F . -13.91 20.98 16.11
O4 SO4 F . -15.02 19.49 17.55
C ACT G . -4.12 17.18 3.46
O ACT G . -3.68 18.26 3.23
OXT ACT G . -5.32 16.90 3.31
CH3 ACT G . -3.20 16.13 4.12
C1 GOL H . -14.55 -9.31 24.16
O1 GOL H . -15.64 -10.08 23.67
C2 GOL H . -13.54 -10.20 24.86
O2 GOL H . -13.13 -11.24 23.98
C3 GOL H . -12.34 -9.43 25.39
O3 GOL H . -11.15 -9.69 24.65
CL CL I . 4.03 -21.90 3.18
CL CL J . 17.40 -10.63 -6.86
CL CL K . 0.64 20.85 11.12
CL CL L . 0.08 15.38 -10.69
CL CL M . -7.60 -20.72 10.45
CL CL N . 10.10 -15.83 6.13
CL CL O . -16.38 9.53 3.08
S SO4 P . 7.95 -13.03 14.80
O1 SO4 P . 9.19 -12.93 15.53
O2 SO4 P . 8.18 -12.72 13.42
O3 SO4 P . 7.45 -14.37 14.91
O4 SO4 P . 6.99 -12.10 15.34
S SO4 Q . -6.10 -19.53 16.85
O1 SO4 Q . -4.88 -20.27 17.19
O2 SO4 Q . -6.93 -20.35 15.98
O3 SO4 Q . -6.83 -19.24 18.06
O4 SO4 Q . -5.74 -18.30 16.16
S SO4 R . 11.97 18.39 15.68
O1 SO4 R . 13.14 18.03 16.45
O2 SO4 R . 11.88 17.55 14.53
O3 SO4 R . 10.79 18.23 16.50
O4 SO4 R . 12.07 19.76 15.25
C ACT S . -10.64 -15.55 -5.17
O ACT S . -11.19 -14.63 -4.53
OXT ACT S . -9.44 -15.70 -5.30
CH3 ACT S . -11.51 -16.59 -5.64
C1 PGE T . 14.07 6.97 -17.81
O1 PGE T . 14.91 5.86 -17.98
C2 PGE T . 13.12 7.16 -18.96
O2 PGE T . 12.42 8.40 -18.82
C3 PGE T . 11.63 8.71 -19.96
C4 PGE T . 10.90 10.00 -19.74
O4 PGE T . 9.32 12.51 -20.71
C6 PGE T . 10.60 13.02 -20.37
C5 PGE T . 11.23 12.31 -19.20
O3 PGE T . 11.82 11.08 -19.62
C1 EDO U . 16.66 -13.19 -10.79
O1 EDO U . 16.60 -12.87 -9.39
C2 EDO U . 16.89 -12.05 -11.73
O2 EDO U . 16.20 -10.84 -11.40
C1 EDO V . 20.02 -10.35 -4.49
O1 EDO V . 19.39 -9.24 -3.85
C2 EDO V . 20.60 -9.90 -5.79
O2 EDO V . 21.69 -8.96 -5.69
C1 EDO W . 18.58 6.32 8.85
O1 EDO W . 18.81 7.71 8.70
C2 EDO W . 18.75 5.57 7.58
O2 EDO W . 17.62 4.83 7.11
C1 EDO X . 11.03 11.22 18.02
O1 EDO X . 10.74 9.91 18.51
C2 EDO X . 9.99 11.78 17.11
O2 EDO X . 10.30 13.12 16.69
C1 EDO Y . 16.56 16.09 2.97
O1 EDO Y . 15.67 15.96 4.10
C2 EDO Y . 15.94 15.80 1.63
O2 EDO Y . 14.53 15.97 1.60
C ACT Z . -8.27 15.95 7.18
O ACT Z . -7.26 15.30 7.51
OXT ACT Z . -8.62 16.15 6.00
CH3 ACT Z . -9.14 16.56 8.26
C ACT AA . 14.80 2.42 0.13
O ACT AA . 13.93 2.65 1.00
OXT ACT AA . 15.71 1.52 0.22
CH3 ACT AA . 14.74 3.29 -1.10
C ACT BA . 18.70 6.04 2.83
O ACT BA . 19.91 6.32 2.57
OXT ACT BA . 18.30 5.47 3.88
CH3 ACT BA . 17.62 6.42 1.81
#